data_4HVH
#
_entry.id   4HVH
#
_cell.length_a   46.749
_cell.length_b   75.540
_cell.length_c   89.217
_cell.angle_alpha   90.00
_cell.angle_beta   90.00
_cell.angle_gamma   90.00
#
_symmetry.space_group_name_H-M   'P 21 21 21'
#
loop_
_entity.id
_entity.type
_entity.pdbx_description
1 polymer 'Tyrosine-protein kinase JAK3'
2 non-polymer 2-cyclopropyl-N-[(2R)-3-hydroxy-3-methylbutan-2-yl]-5H-pyrrolo[2,3-b]pyrazine-7-carboxamide
3 water water
#
_entity_poly.entity_id   1
_entity_poly.type   'polypeptide(L)'
_entity_poly.pdbx_seq_one_letter_code
;CQDPTIFEERHLKYISQLGKGNFGSVELCRYDPLGDNTGALVAVKQLQHSGPDQQRDFQREIQILKALHSDFIVKYRGVS
YGPGRQSLRLVMEYLPSGCLRDFLQRHRARLDASRLLLYSSQICKGMEYLGSRRCVHRDLAARNILVESEAHVKIADFGL
AKLLPLDKDYYVVREPGQSPIFWYAPESLSDNIFSRQSDVWSFGVVLYELFTYCDKSCSPSAEFLRMMGSERDVPALSRL
LELLEEGQRLPAPPACPAEVHELMKLCWAPSPQDRPSFSALGPQLDMLWSGSRGCETHAFTAHPEGKHHSLSFS
;
_entity_poly.pdbx_strand_id   A
#
# COMPACT_ATOMS: atom_id res chain seq x y z
N PRO A 4 -13.54 13.70 18.57
CA PRO A 4 -12.46 13.60 19.58
C PRO A 4 -11.18 12.98 19.00
N THR A 5 -10.05 13.14 19.71
CA THR A 5 -8.84 12.35 19.43
C THR A 5 -8.66 11.23 20.45
N ILE A 6 -9.45 11.26 21.52
CA ILE A 6 -9.54 10.14 22.47
C ILE A 6 -10.97 9.61 22.54
N PHE A 7 -11.14 8.35 22.11
CA PHE A 7 -12.44 7.70 22.08
C PHE A 7 -12.54 6.72 23.26
N GLU A 8 -13.69 6.70 23.93
CA GLU A 8 -13.96 5.71 24.97
C GLU A 8 -14.49 4.42 24.34
N GLU A 9 -13.98 3.27 24.79
CA GLU A 9 -14.41 2.00 24.17
C GLU A 9 -15.89 1.70 24.28
N ARG A 10 -16.50 2.10 25.40
CA ARG A 10 -17.90 1.83 25.66
C ARG A 10 -18.81 2.50 24.63
N HIS A 11 -18.25 3.47 23.89
CA HIS A 11 -18.98 4.25 22.91
C HIS A 11 -18.76 3.73 21.49
N LEU A 12 -17.76 2.86 21.34
CA LEU A 12 -17.44 2.27 20.05
C LEU A 12 -18.15 0.95 19.93
N LYS A 13 -19.10 0.89 19.01
CA LYS A 13 -19.96 -0.27 18.85
C LYS A 13 -19.53 -1.10 17.64
N TYR A 14 -19.26 -2.38 17.88
CA TYR A 14 -18.82 -3.30 16.83
C TYR A 14 -19.90 -3.51 15.77
N ILE A 15 -19.51 -3.49 14.50
CA ILE A 15 -20.43 -3.75 13.40
C ILE A 15 -20.02 -4.99 12.58
N SER A 16 -18.76 -5.04 12.15
CA SER A 16 -18.24 -6.16 11.31
C SER A 16 -16.72 -6.14 11.21
N GLN A 17 -16.14 -7.20 10.66
CA GLN A 17 -14.71 -7.23 10.43
C GLN A 17 -14.41 -6.66 9.05
N LEU A 18 -13.46 -5.72 8.99
CA LEU A 18 -13.02 -5.16 7.72
C LEU A 18 -11.86 -5.94 7.10
N GLY A 19 -10.97 -6.44 7.97
CA GLY A 19 -9.81 -7.20 7.53
C GLY A 19 -8.96 -7.78 8.64
N LYS A 20 -7.97 -8.57 8.23
CA LYS A 20 -7.02 -9.22 9.13
C LYS A 20 -5.61 -8.96 8.58
N GLY A 21 -4.60 -9.33 9.37
CA GLY A 21 -3.22 -9.30 8.91
C GLY A 21 -2.24 -8.71 9.91
N ASN A 22 -0.99 -9.16 9.82
CA ASN A 22 0.08 -8.69 10.71
C ASN A 22 -0.37 -8.65 12.16
N PHE A 23 -0.87 -9.79 12.65
CA PHE A 23 -1.24 -9.99 14.05
C PHE A 23 -2.24 -8.95 14.58
N GLY A 24 -2.94 -8.29 13.65
CA GLY A 24 -3.96 -7.30 13.99
C GLY A 24 -5.26 -7.47 13.21
N SER A 25 -6.28 -6.72 13.60
CA SER A 25 -7.53 -6.71 12.87
C SER A 25 -8.15 -5.33 12.80
N VAL A 26 -8.77 -5.04 11.68
CA VAL A 26 -9.48 -3.80 11.44
C VAL A 26 -10.98 -4.10 11.44
N GLU A 27 -11.72 -3.37 12.27
CA GLU A 27 -13.15 -3.59 12.45
C GLU A 27 -13.91 -2.34 12.06
N LEU A 28 -15.10 -2.54 11.49
CA LEU A 28 -16.03 -1.44 11.31
C LEU A 28 -16.77 -1.29 12.63
N CYS A 29 -16.67 -0.08 13.19
CA CYS A 29 -17.38 0.28 14.40
C CYS A 29 -18.15 1.57 14.17
N ARG A 30 -19.25 1.76 14.90
CA ARG A 30 -19.89 3.07 14.97
C ARG A 30 -19.50 3.72 16.28
N TYR A 31 -19.00 4.96 16.21
CA TYR A 31 -18.75 5.73 17.41
C TYR A 31 -20.05 6.34 17.85
N ASP A 32 -20.67 5.74 18.87
CA ASP A 32 -22.04 6.06 19.21
C ASP A 32 -22.25 6.51 20.67
N PRO A 33 -21.70 7.70 21.05
CA PRO A 33 -21.77 8.16 22.43
C PRO A 33 -23.21 8.30 22.94
N LEU A 34 -24.16 8.52 22.03
CA LEU A 34 -25.58 8.60 22.38
C LEU A 34 -26.26 7.23 22.43
N GLY A 35 -25.61 6.20 21.90
CA GLY A 35 -26.14 4.83 21.91
C GLY A 35 -27.44 4.61 21.15
N ASP A 36 -27.64 5.38 20.07
CA ASP A 36 -28.90 5.34 19.32
C ASP A 36 -28.73 5.06 17.81
N ASN A 37 -27.57 4.53 17.44
CA ASN A 37 -27.21 4.20 16.05
C ASN A 37 -27.15 5.41 15.14
N THR A 38 -26.82 6.57 15.70
CA THR A 38 -26.75 7.79 14.88
C THR A 38 -25.32 8.31 14.73
N GLY A 39 -24.38 7.68 15.46
CA GLY A 39 -22.97 8.03 15.36
C GLY A 39 -22.32 7.71 14.00
N ALA A 40 -21.21 8.37 13.74
CA ALA A 40 -20.40 8.13 12.55
C ALA A 40 -19.66 6.79 12.62
N LEU A 41 -19.41 6.22 11.43
CA LEU A 41 -18.68 4.97 11.30
C LEU A 41 -17.18 5.24 11.29
N VAL A 42 -16.42 4.37 11.93
CA VAL A 42 -14.94 4.47 11.95
C VAL A 42 -14.32 3.08 11.79
N ALA A 43 -13.10 3.03 11.26
CA ALA A 43 -12.35 1.80 11.20
C ALA A 43 -11.42 1.74 12.41
N VAL A 44 -11.42 0.60 13.10
CA VAL A 44 -10.68 0.47 14.35
C VAL A 44 -9.73 -0.73 14.31
N LYS A 45 -8.43 -0.43 14.45
CA LYS A 45 -7.39 -1.45 14.46
C LYS A 45 -6.99 -1.79 15.89
N GLN A 46 -6.93 -3.09 16.17
CA GLN A 46 -6.45 -3.58 17.44
C GLN A 46 -5.57 -4.81 17.22
N LEU A 47 -4.59 -4.96 18.09
CA LEU A 47 -3.78 -6.16 18.14
C LEU A 47 -4.56 -7.25 18.86
N GLN A 48 -4.24 -8.51 18.58
CA GLN A 48 -4.87 -9.66 19.22
C GLN A 48 -3.82 -10.48 19.99
N HIS A 49 -2.66 -9.86 20.22
CA HIS A 49 -1.49 -10.47 20.87
C HIS A 49 -0.84 -9.50 21.87
N SER A 50 -0.58 -9.98 23.08
CA SER A 50 -0.11 -9.14 24.19
C SER A 50 1.42 -9.08 24.35
N GLY A 51 2.14 -9.70 23.41
CA GLY A 51 3.61 -9.77 23.45
C GLY A 51 4.28 -8.43 23.17
N PRO A 52 5.39 -8.17 23.88
CA PRO A 52 6.05 -6.85 23.93
C PRO A 52 6.49 -6.31 22.57
N ASP A 53 6.96 -7.18 21.70
CA ASP A 53 7.48 -6.77 20.39
C ASP A 53 6.43 -6.19 19.46
N GLN A 54 5.23 -6.74 19.51
CA GLN A 54 4.17 -6.36 18.60
C GLN A 54 3.32 -5.21 19.14
N GLN A 55 3.22 -5.12 20.47
CA GLN A 55 2.61 -3.97 21.15
C GLN A 55 3.39 -2.71 20.81
N ARG A 56 4.71 -2.81 20.89
CA ARG A 56 5.64 -1.71 20.65
C ARG A 56 5.63 -1.33 19.16
N ASP A 57 5.59 -2.34 18.30
CA ASP A 57 5.42 -2.13 16.87
C ASP A 57 4.14 -1.35 16.59
N PHE A 58 3.04 -1.81 17.18
CA PHE A 58 1.72 -1.22 16.99
C PHE A 58 1.67 0.23 17.49
N GLN A 59 2.35 0.49 18.60
CA GLN A 59 2.51 1.86 19.10
C GLN A 59 3.21 2.76 18.10
N ARG A 60 4.28 2.25 17.47
CA ARG A 60 5.05 3.01 16.46
C ARG A 60 4.19 3.27 15.22
N GLU A 61 3.37 2.30 14.85
CA GLU A 61 2.43 2.44 13.75
C GLU A 61 1.46 3.61 14.01
N ILE A 62 0.93 3.67 15.23
CA ILE A 62 0.01 4.75 15.62
C ILE A 62 0.69 6.13 15.57
N GLN A 63 1.94 6.19 16.03
CA GLN A 63 2.72 7.44 15.96
C GLN A 63 3.08 7.85 14.53
N ILE A 64 3.42 6.88 13.68
CA ILE A 64 3.67 7.17 12.27
C ILE A 64 2.44 7.80 11.63
N LEU A 65 1.28 7.14 11.76
CA LEU A 65 0.06 7.59 11.11
C LEU A 65 -0.46 8.91 11.68
N LYS A 66 -0.37 9.05 13.00
CA LYS A 66 -0.75 10.29 13.67
C LYS A 66 -0.03 11.50 13.07
N ALA A 67 1.25 11.35 12.77
CA ALA A 67 2.08 12.45 12.26
C ALA A 67 1.96 12.64 10.74
N LEU A 68 1.04 11.90 10.13
CA LEU A 68 0.87 11.93 8.67
C LEU A 68 -0.37 12.73 8.28
N HIS A 69 -0.18 13.76 7.47
CA HIS A 69 -1.29 14.64 7.05
C HIS A 69 -1.27 14.86 5.56
N SER A 70 -2.14 14.14 4.87
CA SER A 70 -2.16 14.14 3.40
C SER A 70 -3.50 13.66 2.88
N ASP A 71 -4.00 14.35 1.86
CA ASP A 71 -5.21 13.92 1.13
C ASP A 71 -5.10 12.48 0.58
N PHE A 72 -3.88 11.99 0.42
CA PHE A 72 -3.62 10.68 -0.18
C PHE A 72 -3.15 9.61 0.83
N ILE A 73 -3.40 9.88 2.11
CA ILE A 73 -3.13 8.91 3.19
C ILE A 73 -4.32 8.78 4.11
N VAL A 74 -4.74 7.53 4.35
CA VAL A 74 -5.84 7.25 5.30
C VAL A 74 -5.66 8.09 6.58
N LYS A 75 -6.74 8.69 7.03
CA LYS A 75 -6.70 9.67 8.09
C LYS A 75 -6.76 9.03 9.46
N TYR A 76 -5.81 9.41 10.29
CA TYR A 76 -5.83 9.13 11.71
C TYR A 76 -6.95 9.96 12.35
N ARG A 77 -7.75 9.32 13.19
CA ARG A 77 -8.83 10.03 13.91
C ARG A 77 -8.56 10.13 15.41
N GLY A 78 -7.91 9.11 15.96
CA GLY A 78 -7.57 9.08 17.37
C GLY A 78 -7.26 7.70 17.88
N VAL A 79 -7.38 7.51 19.19
CA VAL A 79 -7.10 6.25 19.87
C VAL A 79 -8.11 6.00 20.98
N SER A 80 -8.23 4.73 21.40
CA SER A 80 -8.87 4.36 22.66
C SER A 80 -7.94 3.46 23.46
N TYR A 81 -8.06 3.50 24.78
CA TYR A 81 -7.22 2.68 25.67
C TYR A 81 -8.10 1.73 26.48
N LEU A 88 -4.13 1.16 22.87
CA LEU A 88 -4.68 -0.22 22.69
C LEU A 88 -5.39 -0.40 21.34
N ARG A 89 -6.16 0.63 20.93
CA ARG A 89 -6.84 0.64 19.63
C ARG A 89 -6.60 1.92 18.86
N LEU A 90 -6.56 1.79 17.53
CA LEU A 90 -6.31 2.90 16.62
C LEU A 90 -7.58 3.22 15.81
N VAL A 91 -8.00 4.48 15.86
CA VAL A 91 -9.24 4.89 15.22
C VAL A 91 -8.96 5.70 13.96
N MET A 92 -9.46 5.20 12.83
CA MET A 92 -9.23 5.82 11.52
C MET A 92 -10.53 6.15 10.83
N GLU A 93 -10.44 6.98 9.80
CA GLU A 93 -11.60 7.23 8.93
C GLU A 93 -11.99 5.94 8.22
N TYR A 94 -13.29 5.75 8.04
CA TYR A 94 -13.82 4.59 7.35
C TYR A 94 -14.17 5.01 5.94
N LEU A 95 -13.70 4.20 4.98
CA LEU A 95 -13.93 4.44 3.57
C LEU A 95 -14.77 3.27 3.03
N PRO A 96 -16.09 3.48 2.87
CA PRO A 96 -16.98 2.36 2.51
C PRO A 96 -16.70 1.73 1.15
N SER A 97 -15.98 2.44 0.29
CA SER A 97 -15.70 1.94 -1.06
C SER A 97 -14.65 0.80 -1.09
N GLY A 98 -13.91 0.64 0.02
CA GLY A 98 -13.03 -0.51 0.20
C GLY A 98 -11.69 -0.36 -0.47
N CYS A 99 -10.98 -1.47 -0.65
CA CYS A 99 -9.68 -1.38 -1.27
C CYS A 99 -9.78 -1.24 -2.78
N LEU A 100 -8.80 -0.55 -3.36
CA LEU A 100 -8.72 -0.31 -4.80
C LEU A 100 -8.69 -1.60 -5.60
N ARG A 101 -8.05 -2.63 -5.05
CA ARG A 101 -7.97 -3.94 -5.70
C ARG A 101 -9.37 -4.48 -6.09
N ASP A 102 -10.31 -4.44 -5.15
CA ASP A 102 -11.68 -4.88 -5.39
C ASP A 102 -12.46 -3.86 -6.21
N PHE A 103 -12.24 -2.59 -5.91
CA PHE A 103 -12.87 -1.51 -6.65
C PHE A 103 -12.59 -1.60 -8.16
N LEU A 104 -11.32 -1.85 -8.51
CA LEU A 104 -10.93 -1.99 -9.91
C LEU A 104 -11.59 -3.19 -10.58
N GLN A 105 -11.70 -4.30 -9.85
CA GLN A 105 -12.31 -5.52 -10.37
C GLN A 105 -13.80 -5.32 -10.65
N ARG A 106 -14.47 -4.55 -9.79
CA ARG A 106 -15.91 -4.35 -9.90
C ARG A 106 -16.31 -3.25 -10.89
N HIS A 107 -15.48 -2.21 -11.01
CA HIS A 107 -15.81 -1.06 -11.84
C HIS A 107 -14.96 -0.97 -13.10
N ARG A 108 -14.31 -2.08 -13.40
CA ARG A 108 -13.50 -2.25 -14.60
C ARG A 108 -14.01 -1.52 -15.83
N ALA A 109 -15.28 -1.78 -16.20
CA ALA A 109 -15.89 -1.24 -17.41
C ALA A 109 -16.10 0.30 -17.44
N ARG A 110 -15.99 0.93 -16.28
CA ARG A 110 -16.18 2.37 -16.14
C ARG A 110 -14.87 3.15 -16.18
N LEU A 111 -13.80 2.52 -15.68
CA LEU A 111 -12.55 3.23 -15.45
C LEU A 111 -11.60 3.13 -16.64
N ASP A 112 -11.44 4.24 -17.36
CA ASP A 112 -10.53 4.31 -18.50
C ASP A 112 -9.08 4.54 -18.06
N ALA A 113 -8.20 4.63 -19.06
CA ALA A 113 -6.77 4.85 -18.84
C ALA A 113 -6.49 6.14 -18.06
N SER A 114 -7.21 7.21 -18.39
CA SER A 114 -7.05 8.51 -17.72
C SER A 114 -7.30 8.38 -16.22
N ARG A 115 -8.33 7.63 -15.88
CA ARG A 115 -8.72 7.42 -14.51
C ARG A 115 -7.63 6.66 -13.78
N LEU A 116 -7.14 5.60 -14.41
CA LEU A 116 -6.05 4.80 -13.83
C LEU A 116 -4.81 5.64 -13.58
N LEU A 117 -4.58 6.62 -14.45
CA LEU A 117 -3.46 7.53 -14.33
C LEU A 117 -3.68 8.57 -13.24
N LEU A 118 -4.94 8.86 -12.96
CA LEU A 118 -5.30 9.74 -11.86
C LEU A 118 -5.00 9.05 -10.55
N TYR A 119 -5.40 7.79 -10.44
CA TYR A 119 -5.10 6.98 -9.25
C TYR A 119 -3.60 6.84 -9.04
N SER A 120 -2.89 6.57 -10.14
CA SER A 120 -1.42 6.46 -10.16
C SER A 120 -0.72 7.71 -9.64
N SER A 121 -1.14 8.87 -10.12
CA SER A 121 -0.54 10.14 -9.70
C SER A 121 -0.77 10.42 -8.21
N GLN A 122 -1.96 10.07 -7.73
CA GLN A 122 -2.33 10.23 -6.33
C GLN A 122 -1.54 9.35 -5.36
N ILE A 123 -1.38 8.07 -5.72
CA ILE A 123 -0.52 7.16 -4.95
C ILE A 123 0.94 7.67 -4.95
N CYS A 124 1.39 8.15 -6.10
CA CYS A 124 2.74 8.67 -6.23
C CYS A 124 2.91 9.86 -5.29
N LYS A 125 1.99 10.81 -5.37
CA LYS A 125 1.98 11.98 -4.50
C LYS A 125 2.02 11.62 -3.00
N GLY A 126 1.18 10.66 -2.60
CA GLY A 126 1.20 10.17 -1.23
C GLY A 126 2.53 9.53 -0.84
N MET A 127 3.13 8.80 -1.79
CA MET A 127 4.43 8.13 -1.53
C MET A 127 5.60 9.12 -1.46
N GLU A 128 5.53 10.16 -2.27
CA GLU A 128 6.48 11.28 -2.24
C GLU A 128 6.44 11.95 -0.86
N TYR A 129 5.23 12.18 -0.35
CA TYR A 129 5.06 12.73 0.99
C TYR A 129 5.65 11.81 2.07
N LEU A 130 5.34 10.53 1.99
CA LEU A 130 5.84 9.53 2.92
C LEU A 130 7.36 9.53 2.88
N GLY A 131 7.91 9.58 1.67
CA GLY A 131 9.34 9.74 1.47
C GLY A 131 9.92 10.91 2.24
N SER A 132 9.30 12.08 2.13
CA SER A 132 9.75 13.28 2.85
C SER A 132 9.71 13.14 4.38
N ARG A 133 8.81 12.30 4.89
CA ARG A 133 8.76 11.99 6.32
C ARG A 133 9.80 10.91 6.69
N ARG A 134 10.57 10.46 5.71
CA ARG A 134 11.52 9.36 5.89
C ARG A 134 10.84 8.03 6.19
N CYS A 135 9.57 7.91 5.79
CA CYS A 135 8.79 6.70 6.04
C CYS A 135 8.85 5.74 4.86
N VAL A 136 9.27 4.51 5.16
CA VAL A 136 9.18 3.42 4.21
C VAL A 136 7.87 2.67 4.46
N HIS A 137 7.04 2.54 3.45
CA HIS A 137 5.75 1.87 3.61
C HIS A 137 5.93 0.35 3.82
N ARG A 138 6.74 -0.27 2.96
CA ARG A 138 7.13 -1.69 3.06
C ARG A 138 6.11 -2.69 2.54
N ASP A 139 4.90 -2.23 2.19
CA ASP A 139 3.85 -3.14 1.76
C ASP A 139 2.86 -2.50 0.79
N LEU A 140 3.39 -1.76 -0.17
CA LEU A 140 2.56 -1.13 -1.18
C LEU A 140 2.01 -2.19 -2.14
N ALA A 141 0.71 -2.11 -2.39
CA ALA A 141 0.00 -3.13 -3.18
C ALA A 141 -1.44 -2.65 -3.27
N ALA A 142 -2.11 -2.87 -4.41
CA ALA A 142 -3.49 -2.34 -4.57
C ALA A 142 -4.46 -2.72 -3.44
N ARG A 143 -4.19 -3.84 -2.78
CA ARG A 143 -4.96 -4.29 -1.61
C ARG A 143 -4.88 -3.33 -0.40
N ASN A 144 -3.79 -2.55 -0.34
CA ASN A 144 -3.56 -1.57 0.73
C ASN A 144 -3.88 -0.12 0.35
N ILE A 145 -4.41 0.08 -0.85
CA ILE A 145 -4.87 1.40 -1.29
C ILE A 145 -6.39 1.44 -1.10
N LEU A 146 -6.89 2.51 -0.53
CA LEU A 146 -8.33 2.64 -0.32
C LEU A 146 -8.94 3.68 -1.28
N VAL A 147 -10.23 3.52 -1.56
CA VAL A 147 -10.93 4.43 -2.46
C VAL A 147 -11.79 5.39 -1.65
N GLU A 148 -11.44 6.68 -1.73
CA GLU A 148 -12.19 7.73 -1.08
C GLU A 148 -13.42 8.08 -1.90
N SER A 149 -13.20 8.25 -3.21
CA SER A 149 -14.28 8.47 -4.15
C SER A 149 -13.88 7.97 -5.53
N GLU A 150 -14.79 8.13 -6.50
CA GLU A 150 -14.54 7.72 -7.89
C GLU A 150 -13.20 8.26 -8.40
N ALA A 151 -12.86 9.49 -7.98
CA ALA A 151 -11.64 10.16 -8.42
C ALA A 151 -10.67 10.51 -7.28
N HIS A 152 -10.50 9.62 -6.32
CA HIS A 152 -9.65 9.87 -5.15
C HIS A 152 -9.28 8.59 -4.41
N VAL A 153 -7.98 8.27 -4.35
CA VAL A 153 -7.50 7.11 -3.57
C VAL A 153 -6.57 7.53 -2.43
N LYS A 154 -6.39 6.63 -1.47
CA LYS A 154 -5.53 6.84 -0.31
C LYS A 154 -4.78 5.58 0.06
N ILE A 155 -3.52 5.76 0.44
CA ILE A 155 -2.65 4.70 0.91
C ILE A 155 -3.04 4.35 2.35
N ALA A 156 -3.00 3.06 2.67
CA ALA A 156 -3.33 2.57 4.01
C ALA A 156 -2.41 1.43 4.44
N ASP A 157 -2.73 0.85 5.60
CA ASP A 157 -1.96 -0.23 6.22
C ASP A 157 -0.48 0.12 6.42
N PHE A 158 -0.20 0.76 7.55
CA PHE A 158 1.15 1.11 7.94
C PHE A 158 1.64 0.13 9.01
N GLY A 159 1.09 -1.08 8.98
CA GLY A 159 1.49 -2.16 9.87
C GLY A 159 2.95 -2.60 9.81
N LEU A 160 3.58 -2.39 8.66
CA LEU A 160 4.99 -2.76 8.42
C LEU A 160 5.90 -1.53 8.19
N ALA A 161 5.31 -0.33 8.18
CA ALA A 161 6.03 0.91 7.90
C ALA A 161 7.09 1.19 8.95
N LYS A 162 8.28 1.57 8.47
CA LYS A 162 9.41 1.91 9.33
C LYS A 162 9.84 3.33 9.03
N LEU A 163 10.33 4.01 10.06
CA LEU A 163 10.95 5.31 9.94
C LEU A 163 12.46 5.15 9.77
N LEU A 164 13.01 5.76 8.73
CA LEU A 164 14.44 5.68 8.45
C LEU A 164 15.22 6.63 9.37
N PRO A 165 16.26 6.10 10.05
CA PRO A 165 17.12 6.97 10.85
C PRO A 165 17.77 8.03 9.97
N LEU A 166 18.12 9.16 10.56
CA LEU A 166 18.67 10.28 9.81
C LEU A 166 19.98 9.94 9.09
N ASP A 167 20.70 8.93 9.59
CA ASP A 167 22.03 8.56 9.07
C ASP A 167 22.00 7.45 8.00
N LYS A 168 20.90 6.71 7.93
CA LYS A 168 20.70 5.64 6.93
C LYS A 168 19.63 6.03 5.93
N ASP A 169 19.62 5.38 4.77
CA ASP A 169 18.52 5.52 3.80
C ASP A 169 17.87 4.18 3.46
N TYR A 170 18.31 3.12 4.15
CA TYR A 170 17.74 1.78 4.00
C TYR A 170 17.53 1.14 5.37
N TYR A 171 16.70 0.11 5.41
CA TYR A 171 16.33 -0.60 6.64
C TYR A 171 16.51 -2.10 6.42
N VAL A 172 17.14 -2.79 7.38
CA VAL A 172 17.30 -4.25 7.27
C VAL A 172 16.43 -4.99 8.29
N VAL A 173 15.53 -5.83 7.78
CA VAL A 173 14.63 -6.63 8.61
C VAL A 173 15.26 -8.01 8.86
N ARG A 174 15.27 -8.45 10.13
CA ARG A 174 15.88 -9.73 10.51
C ARG A 174 15.04 -10.94 10.08
N GLU A 175 13.77 -10.95 10.47
CA GLU A 175 12.86 -12.05 10.12
C GLU A 175 12.36 -11.90 8.67
N PRO A 176 12.04 -13.03 8.00
CA PRO A 176 11.62 -12.98 6.60
C PRO A 176 10.23 -12.33 6.44
N GLY A 177 9.99 -11.75 5.26
CA GLY A 177 8.69 -11.14 4.96
C GLY A 177 7.55 -12.14 4.91
N GLN A 178 6.34 -11.64 5.14
CA GLN A 178 5.15 -12.48 5.18
C GLN A 178 4.05 -12.01 4.22
N SER A 179 4.45 -11.18 3.25
CA SER A 179 3.53 -10.70 2.22
C SER A 179 3.78 -11.45 0.90
N PRO A 180 2.77 -11.50 -0.01
CA PRO A 180 2.97 -12.13 -1.32
C PRO A 180 4.29 -11.69 -1.97
N ILE A 181 5.09 -12.67 -2.39
CA ILE A 181 6.48 -12.39 -2.75
C ILE A 181 6.65 -11.51 -4.00
N PHE A 182 5.58 -11.38 -4.78
CA PHE A 182 5.66 -10.77 -6.11
C PHE A 182 5.62 -9.23 -6.13
N TRP A 183 5.56 -8.62 -4.95
CA TRP A 183 5.65 -7.16 -4.82
C TRP A 183 7.01 -6.72 -4.28
N TYR A 184 7.87 -7.69 -3.92
CA TYR A 184 9.18 -7.40 -3.32
C TYR A 184 10.27 -7.02 -4.32
N ALA A 185 11.04 -5.99 -3.96
CA ALA A 185 12.29 -5.67 -4.66
C ALA A 185 13.31 -6.80 -4.49
N PRO A 186 14.18 -7.03 -5.50
CA PRO A 186 15.18 -8.10 -5.39
C PRO A 186 16.09 -7.99 -4.14
N GLU A 187 16.49 -6.78 -3.76
CA GLU A 187 17.33 -6.58 -2.57
C GLU A 187 16.57 -6.89 -1.28
N SER A 188 15.24 -6.83 -1.35
CA SER A 188 14.40 -7.29 -0.25
C SER A 188 14.36 -8.81 -0.23
N LEU A 189 14.14 -9.41 -1.40
CA LEU A 189 14.15 -10.86 -1.54
C LEU A 189 15.47 -11.46 -1.06
N SER A 190 16.58 -10.92 -1.57
CA SER A 190 17.90 -11.44 -1.22
C SER A 190 18.35 -11.10 0.21
N ASP A 191 18.31 -9.82 0.57
CA ASP A 191 18.96 -9.35 1.83
C ASP A 191 18.04 -8.71 2.87
N ASN A 192 16.72 -8.71 2.61
CA ASN A 192 15.72 -8.02 3.44
C ASN A 192 16.02 -6.52 3.61
N ILE A 193 16.56 -5.93 2.55
CA ILE A 193 16.80 -4.51 2.50
C ILE A 193 15.52 -3.84 2.02
N PHE A 194 15.05 -2.89 2.80
CA PHE A 194 13.89 -2.07 2.47
C PHE A 194 14.30 -0.60 2.57
N SER A 195 13.80 0.19 1.64
CA SER A 195 14.09 1.61 1.55
C SER A 195 12.96 2.27 0.76
N ARG A 196 13.06 3.58 0.55
CA ARG A 196 12.09 4.29 -0.28
C ARG A 196 12.17 3.80 -1.73
N GLN A 197 13.34 3.33 -2.12
CA GLN A 197 13.58 2.84 -3.48
C GLN A 197 12.99 1.43 -3.71
N SER A 198 12.89 0.63 -2.66
CA SER A 198 12.16 -0.65 -2.74
C SER A 198 10.64 -0.40 -2.81
N ASP A 199 10.19 0.70 -2.18
CA ASP A 199 8.80 1.15 -2.32
C ASP A 199 8.49 1.53 -3.76
N VAL A 200 9.48 2.09 -4.45
CA VAL A 200 9.36 2.45 -5.86
C VAL A 200 9.17 1.17 -6.68
N TRP A 201 9.94 0.12 -6.36
CA TRP A 201 9.80 -1.17 -7.01
C TRP A 201 8.35 -1.64 -6.90
N SER A 202 7.86 -1.72 -5.66
CA SER A 202 6.51 -2.15 -5.36
C SER A 202 5.44 -1.30 -6.06
N PHE A 203 5.67 0.00 -6.11
CA PHE A 203 4.81 0.92 -6.88
C PHE A 203 4.74 0.57 -8.37
N GLY A 204 5.85 0.09 -8.93
CA GLY A 204 5.84 -0.50 -10.27
C GLY A 204 4.79 -1.61 -10.34
N VAL A 205 4.74 -2.46 -9.30
CA VAL A 205 3.75 -3.55 -9.29
C VAL A 205 2.31 -3.02 -9.14
N VAL A 206 2.16 -1.95 -8.34
CA VAL A 206 0.86 -1.29 -8.20
C VAL A 206 0.36 -0.73 -9.54
N LEU A 207 1.27 -0.11 -10.31
CA LEU A 207 0.99 0.30 -11.69
C LEU A 207 0.50 -0.85 -12.56
N TYR A 208 1.16 -2.00 -12.44
CA TYR A 208 0.76 -3.23 -13.15
C TYR A 208 -0.65 -3.66 -12.73
N GLU A 209 -0.90 -3.65 -11.42
CA GLU A 209 -2.22 -3.97 -10.86
C GLU A 209 -3.28 -3.01 -11.42
N LEU A 210 -2.98 -1.72 -11.44
CA LEU A 210 -3.93 -0.74 -11.95
C LEU A 210 -4.30 -1.01 -13.41
N PHE A 211 -3.30 -1.29 -14.25
CA PHE A 211 -3.55 -1.45 -15.69
C PHE A 211 -4.00 -2.84 -16.13
N THR A 212 -4.04 -3.77 -15.17
CA THR A 212 -4.70 -5.05 -15.33
C THR A 212 -6.00 -5.09 -14.52
N TYR A 213 -6.40 -3.94 -13.96
CA TYR A 213 -7.59 -3.83 -13.10
C TYR A 213 -7.65 -4.96 -12.08
N CYS A 214 -6.49 -5.27 -11.50
CA CYS A 214 -6.33 -6.37 -10.55
C CYS A 214 -7.03 -7.65 -10.98
N ASP A 215 -7.00 -7.94 -12.27
CA ASP A 215 -7.55 -9.18 -12.80
C ASP A 215 -6.68 -10.34 -12.32
N LYS A 216 -7.33 -11.35 -11.77
CA LYS A 216 -6.68 -12.47 -11.10
C LYS A 216 -5.88 -13.33 -12.08
N SER A 217 -6.39 -13.48 -13.30
CA SER A 217 -5.78 -14.34 -14.32
C SER A 217 -4.45 -13.81 -14.84
N CYS A 218 -4.27 -12.50 -14.84
CA CYS A 218 -2.96 -11.95 -15.19
C CYS A 218 -2.28 -11.26 -14.01
N SER A 219 -2.64 -11.70 -12.79
CA SER A 219 -2.00 -11.24 -11.54
C SER A 219 -0.49 -11.48 -11.56
N PRO A 220 0.26 -10.77 -10.70
CA PRO A 220 1.69 -11.06 -10.55
C PRO A 220 1.92 -12.52 -10.19
N SER A 221 1.04 -13.04 -9.32
CA SER A 221 1.05 -14.43 -8.91
C SER A 221 0.94 -15.36 -10.10
N ALA A 222 -0.12 -15.19 -10.88
CA ALA A 222 -0.39 -16.06 -12.03
C ALA A 222 0.69 -15.96 -13.11
N GLU A 223 1.17 -14.75 -13.39
CA GLU A 223 2.26 -14.58 -14.36
C GLU A 223 3.57 -15.26 -13.98
N PHE A 224 3.92 -15.28 -12.69
CA PHE A 224 5.14 -15.99 -12.24
C PHE A 224 5.04 -17.49 -12.50
N LEU A 225 3.89 -18.09 -12.14
CA LEU A 225 3.64 -19.50 -12.38
C LEU A 225 3.71 -19.87 -13.85
N ARG A 226 3.35 -18.92 -14.71
CA ARG A 226 3.45 -19.09 -16.15
C ARG A 226 4.93 -19.11 -16.54
N MET A 227 5.72 -18.23 -15.94
CA MET A 227 7.16 -18.16 -16.18
C MET A 227 7.91 -19.22 -15.36
N MET A 228 7.17 -19.87 -14.46
CA MET A 228 7.64 -21.01 -13.63
C MET A 228 8.68 -20.66 -12.56
N VAL A 234 12.44 -26.52 -6.62
CA VAL A 234 13.19 -25.27 -6.27
C VAL A 234 12.24 -24.25 -5.63
N PRO A 235 12.62 -23.72 -4.43
CA PRO A 235 11.81 -22.72 -3.72
C PRO A 235 11.40 -21.55 -4.62
N ALA A 236 10.09 -21.28 -4.66
CA ALA A 236 9.53 -20.18 -5.44
C ALA A 236 10.28 -18.86 -5.29
N LEU A 237 10.70 -18.56 -4.07
CA LEU A 237 11.40 -17.31 -3.77
C LEU A 237 12.73 -17.21 -4.53
N SER A 238 13.49 -18.30 -4.51
CA SER A 238 14.75 -18.38 -5.26
C SER A 238 14.49 -18.22 -6.77
N ARG A 239 13.52 -18.97 -7.28
CA ARG A 239 13.11 -18.89 -8.70
C ARG A 239 12.76 -17.46 -9.10
N LEU A 240 11.99 -16.77 -8.27
CA LEU A 240 11.61 -15.37 -8.50
C LEU A 240 12.85 -14.48 -8.59
N LEU A 241 13.76 -14.64 -7.62
CA LEU A 241 15.06 -13.94 -7.64
C LEU A 241 15.86 -14.21 -8.92
N GLU A 242 15.94 -15.48 -9.33
CA GLU A 242 16.60 -15.85 -10.58
C GLU A 242 16.00 -15.13 -11.78
N LEU A 243 14.69 -15.27 -11.99
CA LEU A 243 13.99 -14.64 -13.11
C LEU A 243 14.30 -13.15 -13.21
N LEU A 244 14.17 -12.45 -12.09
CA LEU A 244 14.40 -11.01 -12.00
C LEU A 244 15.88 -10.66 -12.21
N GLU A 245 16.74 -11.59 -11.81
CA GLU A 245 18.19 -11.46 -12.00
C GLU A 245 18.54 -11.48 -13.49
N GLU A 246 17.91 -12.39 -14.23
CA GLU A 246 18.05 -12.50 -15.69
C GLU A 246 17.45 -11.31 -16.43
N GLY A 247 16.67 -10.49 -15.74
CA GLY A 247 15.98 -9.35 -16.35
C GLY A 247 14.60 -9.71 -16.89
N GLN A 248 14.05 -10.82 -16.42
CA GLN A 248 12.66 -11.15 -16.66
C GLN A 248 11.81 -10.17 -15.88
N ARG A 249 10.72 -9.71 -16.48
CA ARG A 249 9.80 -8.79 -15.82
C ARG A 249 8.39 -9.15 -16.23
N LEU A 250 7.41 -8.59 -15.52
CA LEU A 250 6.00 -8.68 -15.89
C LEU A 250 5.77 -8.00 -17.24
N PRO A 251 4.97 -8.63 -18.11
CA PRO A 251 4.71 -8.07 -19.42
C PRO A 251 3.72 -6.91 -19.38
N ALA A 252 3.72 -6.10 -20.43
CA ALA A 252 2.75 -5.04 -20.59
C ALA A 252 1.34 -5.61 -20.43
N PRO A 253 0.59 -5.11 -19.43
CA PRO A 253 -0.82 -5.47 -19.30
C PRO A 253 -1.56 -5.22 -20.62
N PRO A 254 -2.52 -6.09 -20.97
CA PRO A 254 -3.25 -5.96 -22.23
C PRO A 254 -3.83 -4.55 -22.38
N ALA A 255 -3.65 -3.96 -23.55
CA ALA A 255 -4.06 -2.58 -23.86
C ALA A 255 -3.31 -1.49 -23.08
N CYS A 256 -2.27 -1.85 -22.36
CA CYS A 256 -1.50 -0.86 -21.63
C CYS A 256 -0.83 0.12 -22.59
N PRO A 257 -0.96 1.44 -22.32
CA PRO A 257 -0.17 2.41 -23.09
C PRO A 257 1.30 2.11 -22.91
N ALA A 258 2.07 2.24 -23.99
CA ALA A 258 3.51 1.92 -23.98
C ALA A 258 4.24 2.76 -22.94
N GLU A 259 3.95 4.05 -22.92
CA GLU A 259 4.63 4.99 -22.01
C GLU A 259 4.42 4.60 -20.55
N VAL A 260 3.30 3.96 -20.26
CA VAL A 260 3.03 3.49 -18.90
C VAL A 260 3.86 2.25 -18.56
N HIS A 261 3.91 1.31 -19.49
CA HIS A 261 4.72 0.11 -19.32
C HIS A 261 6.20 0.45 -19.09
N GLU A 262 6.71 1.42 -19.86
CA GLU A 262 8.09 1.88 -19.70
C GLU A 262 8.34 2.46 -18.30
N LEU A 263 7.36 3.20 -17.77
CA LEU A 263 7.41 3.64 -16.38
C LEU A 263 7.54 2.49 -15.39
N MET A 264 6.79 1.41 -15.62
CA MET A 264 6.86 0.22 -14.78
C MET A 264 8.27 -0.35 -14.77
N LYS A 265 8.79 -0.58 -15.98
CA LYS A 265 10.13 -1.14 -16.17
C LYS A 265 11.22 -0.28 -15.53
N LEU A 266 11.03 1.04 -15.54
CA LEU A 266 11.95 1.95 -14.86
C LEU A 266 11.93 1.73 -13.33
N CYS A 267 10.74 1.60 -12.76
CA CYS A 267 10.58 1.25 -11.34
C CYS A 267 11.19 -0.13 -11.00
N TRP A 268 11.26 -0.99 -12.01
CA TRP A 268 11.80 -2.34 -11.86
C TRP A 268 13.28 -2.46 -12.26
N ALA A 269 14.02 -1.37 -12.12
CA ALA A 269 15.45 -1.35 -12.36
C ALA A 269 16.16 -2.15 -11.26
N PRO A 270 17.08 -3.06 -11.65
CA PRO A 270 17.67 -4.01 -10.69
C PRO A 270 18.35 -3.34 -9.49
N SER A 271 19.10 -2.28 -9.72
CA SER A 271 19.74 -1.56 -8.63
C SER A 271 18.83 -0.42 -8.15
N PRO A 272 18.66 -0.29 -6.82
CA PRO A 272 17.76 0.71 -6.23
C PRO A 272 18.07 2.14 -6.69
N GLN A 273 19.35 2.48 -6.79
CA GLN A 273 19.75 3.84 -7.15
C GLN A 273 19.49 4.19 -8.62
N ASP A 274 19.07 3.21 -9.41
CA ASP A 274 18.72 3.44 -10.83
C ASP A 274 17.21 3.61 -11.07
N ARG A 275 16.42 3.38 -10.03
CA ARG A 275 14.98 3.61 -10.09
C ARG A 275 14.67 5.10 -9.93
N PRO A 276 13.65 5.57 -10.66
CA PRO A 276 13.25 6.97 -10.48
C PRO A 276 12.71 7.19 -9.07
N SER A 277 12.87 8.41 -8.58
CA SER A 277 12.23 8.84 -7.35
C SER A 277 10.75 9.03 -7.62
N PHE A 278 9.94 8.97 -6.57
CA PHE A 278 8.53 9.33 -6.64
C PHE A 278 8.34 10.77 -7.14
N SER A 279 9.19 11.69 -6.65
CA SER A 279 9.14 13.09 -7.09
C SER A 279 9.47 13.27 -8.57
N ALA A 280 10.34 12.41 -9.12
CA ALA A 280 10.54 12.33 -10.58
C ALA A 280 9.37 11.63 -11.30
N LEU A 281 8.86 10.54 -10.72
CA LEU A 281 7.72 9.83 -11.31
C LEU A 281 6.45 10.69 -11.45
N GLY A 282 6.19 11.53 -10.45
CA GLY A 282 4.96 12.34 -10.37
C GLY A 282 4.61 13.15 -11.62
N PRO A 283 5.51 14.08 -12.02
CA PRO A 283 5.32 14.91 -13.21
C PRO A 283 5.02 14.11 -14.48
N GLN A 284 5.71 12.99 -14.66
CA GLN A 284 5.50 12.10 -15.82
C GLN A 284 4.06 11.61 -15.87
N LEU A 285 3.60 11.08 -14.73
CA LEU A 285 2.22 10.61 -14.61
C LEU A 285 1.20 11.71 -14.92
N ASP A 286 1.43 12.91 -14.38
CA ASP A 286 0.55 14.06 -14.60
C ASP A 286 0.51 14.46 -16.07
N MET A 287 1.65 14.33 -16.75
CA MET A 287 1.73 14.62 -18.18
C MET A 287 0.96 13.58 -19.01
N LEU A 288 1.24 12.30 -18.76
CA LEU A 288 0.52 11.21 -19.42
C LEU A 288 -0.99 11.33 -19.26
N TRP A 289 -1.40 11.75 -18.06
CA TRP A 289 -2.81 11.96 -17.73
C TRP A 289 -3.43 13.13 -18.51
N SER A 290 -2.62 14.16 -18.77
CA SER A 290 -3.08 15.33 -19.51
C SER A 290 -3.12 15.12 -21.01
N GLY A 291 -2.46 14.05 -21.49
CA GLY A 291 -2.46 13.69 -22.91
C GLY A 291 -3.32 12.49 -23.26
N SER A 292 -3.91 11.86 -22.23
CA SER A 292 -4.77 10.70 -22.43
C SER A 292 -6.19 11.10 -22.84
#